data_2RKK
#
_entry.id   2RKK
#
_cell.length_a   126.169
_cell.length_b   126.169
_cell.length_c   70.252
_cell.angle_alpha   90.000
_cell.angle_beta   90.000
_cell.angle_gamma   90.000
#
_symmetry.space_group_name_H-M   'I 4'
#
loop_
_entity.id
_entity.type
_entity.pdbx_description
1 polymer 'Vacuolar protein sorting-associated protein VTA1'
2 water water
#
_entity_poly.entity_id   1
_entity_poly.type   'polypeptide(L)'
_entity_poly.pdbx_seq_one_letter_code
;SMASNAARVVATAKDFDKVGLGIIGYYLQLYAVELILSEEDRSQEMTALATELLDTIEAFKKEIGGESEAEDSDKSLHVM
NTLIHDQEKAKIYMLNFTMSLYNEKLKQLKDGPWDVMLKRSLWCCIDLFSCILHLWKENISETSTNSLQKRIKYCKIYLS
KLAKGEIG
;
_entity_poly.pdbx_strand_id   A,B
#
# COMPACT_ATOMS: atom_id res chain seq x y z
N SER A 1 -10.20 8.78 27.37
CA SER A 1 -8.93 8.14 27.81
C SER A 1 -8.58 7.00 26.87
N MET A 2 -9.34 5.91 26.95
CA MET A 2 -9.12 4.76 26.09
C MET A 2 -9.90 4.96 24.80
N ALA A 3 -11.22 5.15 24.93
CA ALA A 3 -12.09 5.35 23.77
C ALA A 3 -11.55 6.46 22.87
N SER A 4 -10.66 7.29 23.41
CA SER A 4 -10.06 8.39 22.65
C SER A 4 -8.93 7.84 21.81
N ASN A 5 -8.08 7.01 22.42
CA ASN A 5 -6.97 6.41 21.72
C ASN A 5 -7.51 5.61 20.53
N ALA A 6 -8.54 4.79 20.77
CA ALA A 6 -9.14 3.98 19.73
C ALA A 6 -9.81 4.84 18.66
N ALA A 7 -10.49 5.89 19.13
CA ALA A 7 -11.18 6.83 18.24
C ALA A 7 -10.19 7.41 17.25
N ARG A 8 -8.99 7.76 17.74
CA ARG A 8 -7.98 8.33 16.86
C ARG A 8 -7.61 7.36 15.76
N VAL A 9 -7.31 6.13 16.18
CA VAL A 9 -6.95 5.05 15.26
C VAL A 9 -8.06 4.86 14.24
N VAL A 10 -9.27 4.61 14.73
CA VAL A 10 -10.38 4.40 13.81
C VAL A 10 -10.53 5.55 12.81
N ALA A 11 -10.29 6.78 13.26
CA ALA A 11 -10.38 7.95 12.37
C ALA A 11 -9.32 7.85 11.28
N THR A 12 -8.10 7.51 11.68
CA THR A 12 -6.98 7.38 10.75
C THR A 12 -7.20 6.22 9.78
N ALA A 13 -7.83 5.17 10.28
CA ALA A 13 -8.11 3.99 9.48
C ALA A 13 -9.02 4.38 8.32
N LYS A 14 -10.07 5.13 8.64
CA LYS A 14 -11.03 5.59 7.65
C LYS A 14 -10.33 6.50 6.66
N ASP A 15 -9.41 7.32 7.15
CA ASP A 15 -8.69 8.20 6.24
C ASP A 15 -7.87 7.37 5.26
N PHE A 16 -7.21 6.33 5.76
CA PHE A 16 -6.43 5.47 4.88
C PHE A 16 -7.25 4.74 3.85
N ASP A 17 -8.53 4.50 4.15
CA ASP A 17 -9.37 3.81 3.17
C ASP A 17 -9.77 4.81 2.10
N LYS A 18 -10.27 5.95 2.54
CA LYS A 18 -10.71 6.97 1.61
C LYS A 18 -9.63 7.41 0.61
N VAL A 19 -8.36 7.18 0.98
CA VAL A 19 -7.24 7.55 0.11
C VAL A 19 -6.82 6.35 -0.74
N GLY A 20 -7.30 5.17 -0.37
CA GLY A 20 -6.98 3.96 -1.13
C GLY A 20 -5.81 3.10 -0.67
N LEU A 21 -5.73 2.87 0.63
CA LEU A 21 -4.66 2.04 1.20
C LEU A 21 -5.30 0.92 2.01
N GLY A 22 -6.47 0.49 1.52
CA GLY A 22 -7.26 -0.55 2.16
C GLY A 22 -6.63 -1.57 3.09
N ILE A 23 -5.51 -2.16 2.68
CA ILE A 23 -4.88 -3.14 3.52
C ILE A 23 -4.38 -2.48 4.81
N ILE A 24 -3.80 -1.30 4.70
CA ILE A 24 -3.31 -0.59 5.89
C ILE A 24 -4.50 -0.32 6.82
N GLY A 25 -5.51 0.39 6.32
CA GLY A 25 -6.68 0.72 7.13
C GLY A 25 -7.35 -0.52 7.66
N TYR A 26 -7.18 -1.64 6.97
CA TYR A 26 -7.77 -2.91 7.40
C TYR A 26 -7.20 -3.24 8.77
N TYR A 27 -5.89 -3.38 8.82
CA TYR A 27 -5.17 -3.71 10.04
C TYR A 27 -5.28 -2.68 11.13
N LEU A 28 -5.40 -1.41 10.74
CA LEU A 28 -5.58 -0.34 11.71
C LEU A 28 -6.87 -0.62 12.45
N GLN A 29 -7.87 -1.11 11.72
CA GLN A 29 -9.16 -1.38 12.33
C GLN A 29 -9.13 -2.55 13.26
N LEU A 30 -8.54 -3.62 12.74
CA LEU A 30 -8.39 -4.87 13.46
C LEU A 30 -7.70 -4.56 14.78
N TYR A 31 -6.73 -3.64 14.70
CA TYR A 31 -5.97 -3.18 15.85
C TYR A 31 -6.96 -2.47 16.81
N ALA A 32 -7.65 -1.44 16.32
CA ALA A 32 -8.62 -0.69 17.12
C ALA A 32 -9.62 -1.63 17.79
N VAL A 33 -9.98 -2.70 17.10
CA VAL A 33 -10.91 -3.65 17.64
C VAL A 33 -10.33 -4.29 18.91
N GLU A 34 -9.13 -4.85 18.81
CA GLU A 34 -8.47 -5.50 19.96
C GLU A 34 -8.28 -4.50 21.09
N LEU A 35 -8.11 -3.26 20.70
CA LEU A 35 -7.92 -2.19 21.66
C LEU A 35 -9.19 -1.99 22.51
N ILE A 36 -10.36 -2.07 21.88
CA ILE A 36 -11.65 -1.89 22.55
C ILE A 36 -12.03 -3.13 23.39
N LEU A 37 -11.88 -4.29 22.77
CA LEU A 37 -12.20 -5.55 23.42
C LEU A 37 -11.18 -5.89 24.51
N SER A 38 -10.18 -5.02 24.71
CA SER A 38 -9.17 -5.29 25.73
C SER A 38 -9.54 -4.64 27.06
N GLU A 39 -10.45 -3.66 26.99
CA GLU A 39 -10.92 -2.96 28.18
C GLU A 39 -12.09 -3.68 28.81
N GLU A 40 -11.83 -4.21 30.01
CA GLU A 40 -12.79 -4.96 30.82
C GLU A 40 -13.99 -4.14 31.25
N ASP A 41 -13.90 -2.83 31.03
CA ASP A 41 -14.97 -1.94 31.41
C ASP A 41 -15.65 -1.36 30.17
N ARG A 42 -15.97 -2.21 29.19
CA ARG A 42 -16.62 -1.72 27.97
C ARG A 42 -17.83 -0.83 28.24
N SER A 43 -18.12 0.06 27.29
CA SER A 43 -19.26 0.96 27.42
C SER A 43 -20.08 0.90 26.15
N GLN A 44 -21.39 1.10 26.29
CA GLN A 44 -22.32 1.07 25.17
C GLN A 44 -21.73 1.55 23.85
N GLU A 45 -21.16 2.74 23.89
CA GLU A 45 -20.58 3.39 22.72
C GLU A 45 -19.49 2.58 22.01
N MET A 46 -18.58 2.01 22.80
CA MET A 46 -17.49 1.20 22.29
C MET A 46 -17.94 -0.14 21.71
N THR A 47 -18.92 -0.75 22.37
CA THR A 47 -19.45 -2.03 21.93
C THR A 47 -20.02 -1.89 20.54
N ALA A 48 -20.69 -0.78 20.29
CA ALA A 48 -21.26 -0.58 18.97
C ALA A 48 -20.10 -0.43 17.99
N LEU A 49 -19.00 0.14 18.48
CA LEU A 49 -17.84 0.34 17.61
C LEU A 49 -17.20 -0.99 17.21
N ALA A 50 -16.98 -1.87 18.20
CA ALA A 50 -16.41 -3.18 17.95
C ALA A 50 -17.17 -3.87 16.80
N THR A 51 -18.49 -3.91 16.93
CA THR A 51 -19.38 -4.53 15.95
C THR A 51 -19.23 -3.90 14.57
N GLU A 52 -19.25 -2.58 14.53
CA GLU A 52 -19.11 -1.84 13.28
C GLU A 52 -17.77 -2.17 12.66
N LEU A 53 -16.74 -2.18 13.51
CA LEU A 53 -15.39 -2.49 13.05
C LEU A 53 -15.29 -3.92 12.50
N LEU A 54 -15.77 -4.91 13.26
CA LEU A 54 -15.75 -6.31 12.83
C LEU A 54 -16.52 -6.53 11.53
N ASP A 55 -17.62 -5.78 11.39
CA ASP A 55 -18.46 -5.87 10.22
C ASP A 55 -17.65 -5.44 9.02
N THR A 56 -17.01 -4.28 9.15
CA THR A 56 -16.20 -3.76 8.06
C THR A 56 -15.05 -4.70 7.77
N ILE A 57 -14.35 -5.08 8.84
CA ILE A 57 -13.21 -5.99 8.77
C ILE A 57 -13.53 -7.21 7.95
N GLU A 58 -14.63 -7.86 8.34
CA GLU A 58 -15.05 -9.08 7.67
C GLU A 58 -15.32 -8.90 6.18
N ALA A 59 -16.12 -7.88 5.86
CA ALA A 59 -16.49 -7.55 4.50
C ALA A 59 -15.23 -7.45 3.66
N PHE A 60 -14.23 -6.78 4.21
CA PHE A 60 -12.96 -6.58 3.51
C PHE A 60 -12.23 -7.86 3.17
N LYS A 61 -12.06 -8.73 4.16
CA LYS A 61 -11.34 -10.00 3.97
C LYS A 61 -12.11 -10.91 3.04
N LYS A 62 -13.43 -10.90 3.20
CA LYS A 62 -14.28 -11.70 2.35
C LYS A 62 -14.06 -11.36 0.90
N GLU A 63 -14.00 -10.08 0.58
CA GLU A 63 -13.83 -9.67 -0.80
C GLU A 63 -12.41 -9.87 -1.37
N ILE A 64 -11.55 -10.56 -0.63
CA ILE A 64 -10.17 -10.78 -1.08
C ILE A 64 -9.63 -12.21 -0.82
N GLY A 65 -10.35 -12.99 -0.01
CA GLY A 65 -9.93 -14.34 0.31
C GLY A 65 -10.16 -15.32 -0.82
N LEU A 77 -6.83 -8.78 -7.46
CA LEU A 77 -7.82 -9.13 -6.45
C LEU A 77 -7.39 -10.42 -5.73
N HIS A 78 -7.27 -11.49 -6.49
CA HIS A 78 -6.86 -12.77 -5.94
C HIS A 78 -5.33 -12.82 -5.82
N VAL A 79 -4.64 -11.78 -6.29
CA VAL A 79 -3.19 -11.78 -6.24
C VAL A 79 -2.59 -11.34 -4.92
N MET A 80 -3.29 -10.43 -4.24
CA MET A 80 -2.84 -9.87 -2.97
C MET A 80 -3.28 -10.56 -1.70
N ASN A 81 -4.30 -11.41 -1.79
CA ASN A 81 -4.84 -12.13 -0.64
C ASN A 81 -3.81 -12.48 0.43
N THR A 82 -2.63 -12.91 -0.02
CA THR A 82 -1.55 -13.31 0.87
C THR A 82 -1.22 -12.30 1.97
N LEU A 83 -1.53 -11.03 1.70
CA LEU A 83 -1.29 -9.96 2.66
C LEU A 83 -2.38 -9.92 3.72
N ILE A 84 -3.41 -10.73 3.53
CA ILE A 84 -4.51 -10.78 4.47
C ILE A 84 -4.56 -12.15 5.12
N HIS A 85 -3.99 -13.14 4.44
CA HIS A 85 -3.97 -14.48 4.96
C HIS A 85 -2.63 -14.84 5.62
N ASP A 86 -1.54 -14.25 5.14
CA ASP A 86 -0.21 -14.53 5.73
C ASP A 86 0.22 -13.41 6.68
N GLN A 87 -0.07 -13.56 7.97
CA GLN A 87 0.27 -12.55 8.95
C GLN A 87 1.76 -12.17 8.97
N GLU A 88 2.58 -13.07 8.43
CA GLU A 88 4.04 -12.88 8.33
C GLU A 88 4.30 -11.76 7.32
N LYS A 89 3.76 -11.95 6.12
CA LYS A 89 3.90 -10.99 5.05
C LYS A 89 3.15 -9.70 5.37
N ALA A 90 2.01 -9.83 6.04
CA ALA A 90 1.24 -8.65 6.40
C ALA A 90 2.05 -7.78 7.34
N LYS A 91 2.72 -8.41 8.30
CA LYS A 91 3.55 -7.68 9.28
C LYS A 91 4.69 -6.93 8.59
N ILE A 92 5.39 -7.61 7.67
CA ILE A 92 6.50 -7.02 6.93
C ILE A 92 6.02 -5.92 5.97
N TYR A 93 4.88 -6.12 5.30
CA TYR A 93 4.39 -5.08 4.39
C TYR A 93 4.03 -3.86 5.24
N MET A 94 3.35 -4.10 6.35
CA MET A 94 2.95 -3.01 7.22
C MET A 94 4.17 -2.25 7.74
N LEU A 95 5.20 -2.99 8.10
CA LEU A 95 6.41 -2.38 8.64
C LEU A 95 7.16 -1.51 7.62
N ASN A 96 7.26 -2.03 6.40
CA ASN A 96 7.94 -1.30 5.32
C ASN A 96 7.22 0.00 4.99
N PHE A 97 5.89 -0.04 4.98
CA PHE A 97 5.12 1.15 4.69
C PHE A 97 5.29 2.18 5.82
N THR A 98 5.00 1.76 7.05
CA THR A 98 5.11 2.64 8.23
C THR A 98 6.50 3.25 8.39
N MET A 99 7.51 2.45 8.08
CA MET A 99 8.88 2.88 8.20
C MET A 99 9.19 3.96 7.16
N SER A 100 8.77 3.78 5.92
CA SER A 100 9.05 4.79 4.92
C SER A 100 8.41 6.12 5.31
N LEU A 101 7.24 6.06 5.91
CA LEU A 101 6.55 7.25 6.36
C LEU A 101 7.32 7.87 7.54
N TYR A 102 7.62 7.04 8.54
CA TYR A 102 8.36 7.48 9.72
C TYR A 102 9.67 8.20 9.32
N ASN A 103 10.51 7.50 8.57
CA ASN A 103 11.79 8.06 8.13
C ASN A 103 11.67 9.35 7.36
N GLU A 104 10.60 9.47 6.57
CA GLU A 104 10.40 10.69 5.80
C GLU A 104 10.08 11.83 6.78
N LYS A 105 9.31 11.52 7.81
CA LYS A 105 8.91 12.52 8.81
C LYS A 105 10.01 12.95 9.77
N LEU A 106 11.04 12.11 9.93
CA LEU A 106 12.15 12.47 10.82
C LEU A 106 12.88 13.66 10.25
N LYS A 107 13.15 13.57 8.95
CA LYS A 107 13.82 14.62 8.24
C LYS A 107 13.01 15.90 8.35
N GLN A 108 11.70 15.81 8.22
CA GLN A 108 10.88 16.99 8.31
C GLN A 108 11.11 17.66 9.69
N LEU A 109 11.30 16.85 10.74
CA LEU A 109 11.53 17.40 12.08
C LEU A 109 12.82 18.21 12.12
N LYS A 110 13.71 17.94 11.20
CA LYS A 110 14.97 18.65 11.15
C LYS A 110 14.86 19.90 10.28
N ASP A 111 14.58 19.73 9.00
CA ASP A 111 14.49 20.90 8.11
C ASP A 111 13.09 21.34 7.69
N GLY A 112 12.21 20.38 7.42
CA GLY A 112 10.85 20.70 6.99
C GLY A 112 10.07 21.60 7.93
N PRO A 113 8.84 21.96 7.54
CA PRO A 113 7.96 22.83 8.33
C PRO A 113 7.32 22.14 9.55
N TRP A 114 7.16 22.90 10.63
CA TRP A 114 6.59 22.39 11.89
C TRP A 114 5.15 22.88 12.07
N ASP A 115 4.23 22.26 11.33
CA ASP A 115 2.79 22.60 11.31
C ASP A 115 1.94 21.47 11.88
N VAL A 116 0.63 21.68 11.90
CA VAL A 116 -0.30 20.66 12.41
C VAL A 116 -0.25 19.36 11.59
N MET A 117 0.14 19.45 10.32
CA MET A 117 0.22 18.25 9.50
C MET A 117 1.27 17.33 10.12
N LEU A 118 2.40 17.88 10.54
CA LEU A 118 3.47 17.08 11.15
C LEU A 118 2.94 16.41 12.41
N LYS A 119 2.20 17.18 13.21
CA LYS A 119 1.63 16.68 14.44
C LYS A 119 0.78 15.45 14.14
N ARG A 120 -0.07 15.56 13.12
CA ARG A 120 -0.95 14.47 12.73
C ARG A 120 -0.12 13.30 12.21
N SER A 121 0.81 13.61 11.32
CA SER A 121 1.71 12.61 10.75
C SER A 121 2.41 11.78 11.84
N LEU A 122 2.91 12.44 12.88
CA LEU A 122 3.62 11.74 13.96
C LEU A 122 2.69 10.85 14.79
N TRP A 123 1.43 11.24 14.92
CA TRP A 123 0.49 10.41 15.67
C TRP A 123 0.14 9.20 14.83
N CYS A 124 0.09 9.40 13.53
CA CYS A 124 -0.23 8.31 12.62
C CYS A 124 0.87 7.23 12.75
N CYS A 125 2.12 7.69 12.82
CA CYS A 125 3.29 6.82 12.97
C CYS A 125 3.21 6.05 14.29
N ILE A 126 2.84 6.77 15.35
CA ILE A 126 2.69 6.16 16.65
C ILE A 126 1.60 5.06 16.57
N ASP A 127 0.49 5.33 15.89
CA ASP A 127 -0.57 4.33 15.77
C ASP A 127 -0.19 3.16 14.86
N LEU A 128 0.53 3.44 13.78
CA LEU A 128 0.97 2.37 12.87
C LEU A 128 1.92 1.47 13.66
N PHE A 129 2.94 2.08 14.26
CA PHE A 129 3.88 1.30 15.06
C PHE A 129 3.15 0.48 16.13
N SER A 130 2.25 1.13 16.87
CA SER A 130 1.48 0.46 17.92
C SER A 130 0.67 -0.71 17.38
N CYS A 131 0.12 -0.51 16.19
CA CYS A 131 -0.67 -1.52 15.52
C CYS A 131 0.22 -2.73 15.27
N ILE A 132 1.34 -2.50 14.60
CA ILE A 132 2.29 -3.57 14.31
C ILE A 132 2.69 -4.37 15.56
N LEU A 133 3.02 -3.68 16.65
CA LEU A 133 3.42 -4.35 17.88
C LEU A 133 2.29 -5.17 18.51
N HIS A 134 1.09 -4.61 18.53
CA HIS A 134 -0.04 -5.29 19.13
C HIS A 134 -0.53 -6.49 18.34
N LEU A 135 -0.76 -6.33 17.04
CA LEU A 135 -1.24 -7.45 16.26
C LEU A 135 -0.26 -8.60 16.13
N TRP A 136 1.02 -8.28 16.04
CA TRP A 136 2.03 -9.31 15.85
C TRP A 136 3.13 -9.36 16.89
N LYS A 137 2.79 -9.70 18.13
CA LYS A 137 3.81 -9.77 19.17
C LYS A 137 4.76 -10.95 18.99
N GLU A 138 4.22 -12.17 19.02
CA GLU A 138 5.02 -13.39 18.86
C GLU A 138 5.53 -13.58 17.44
N ASN A 139 5.75 -12.48 16.73
CA ASN A 139 6.25 -12.58 15.37
C ASN A 139 7.33 -11.51 15.25
N ILE A 140 7.45 -10.67 16.27
CA ILE A 140 8.47 -9.62 16.27
C ILE A 140 9.65 -9.92 17.21
N SER A 141 10.85 -9.88 16.64
CA SER A 141 12.10 -10.10 17.37
C SER A 141 12.15 -9.20 18.59
N GLU A 142 12.65 -9.71 19.70
CA GLU A 142 12.74 -8.91 20.92
C GLU A 142 13.58 -7.67 20.63
N THR A 143 14.48 -7.80 19.68
CA THR A 143 15.35 -6.72 19.29
C THR A 143 14.56 -5.73 18.44
N SER A 144 13.65 -6.25 17.63
CA SER A 144 12.83 -5.43 16.75
C SER A 144 11.71 -4.75 17.52
N THR A 145 11.21 -5.41 18.55
CA THR A 145 10.14 -4.85 19.37
C THR A 145 10.67 -3.59 20.02
N ASN A 146 11.84 -3.69 20.62
CA ASN A 146 12.46 -2.57 21.29
C ASN A 146 12.69 -1.43 20.34
N SER A 147 13.11 -1.76 19.12
CA SER A 147 13.36 -0.75 18.09
C SER A 147 12.10 0.06 17.86
N LEU A 148 10.99 -0.65 17.63
CA LEU A 148 9.71 -0.02 17.40
C LEU A 148 9.22 0.73 18.60
N GLN A 149 9.38 0.15 19.79
CA GLN A 149 8.93 0.84 20.99
C GLN A 149 9.71 2.14 21.12
N LYS A 150 10.93 2.16 20.62
CA LYS A 150 11.78 3.37 20.69
C LYS A 150 11.33 4.41 19.68
N ARG A 151 10.91 3.95 18.49
CA ARG A 151 10.45 4.86 17.46
C ARG A 151 9.18 5.56 17.90
N ILE A 152 8.33 4.83 18.61
CA ILE A 152 7.12 5.41 19.12
C ILE A 152 7.49 6.49 20.13
N LYS A 153 8.39 6.17 21.04
CA LYS A 153 8.78 7.15 22.04
C LYS A 153 9.35 8.41 21.39
N TYR A 154 10.17 8.23 20.36
CA TYR A 154 10.77 9.35 19.65
C TYR A 154 9.66 10.28 19.16
N CYS A 155 8.58 9.70 18.64
CA CYS A 155 7.44 10.49 18.14
C CYS A 155 6.83 11.27 19.27
N LYS A 156 6.46 10.57 20.33
CA LYS A 156 5.85 11.17 21.50
C LYS A 156 6.74 12.28 22.11
N ILE A 157 8.04 12.21 21.90
CA ILE A 157 8.94 13.22 22.44
C ILE A 157 8.86 14.51 21.63
N TYR A 158 9.12 14.42 20.32
CA TYR A 158 9.05 15.60 19.47
C TYR A 158 7.65 16.13 19.37
N LEU A 159 6.69 15.28 19.72
CA LEU A 159 5.29 15.66 19.69
C LEU A 159 5.09 16.66 20.82
N SER A 160 5.74 16.39 21.95
CA SER A 160 5.67 17.26 23.12
C SER A 160 6.49 18.53 22.82
N LYS A 161 7.61 18.39 22.14
CA LYS A 161 8.45 19.54 21.78
C LYS A 161 7.67 20.48 20.86
N LEU A 162 6.60 19.98 20.24
CA LEU A 162 5.82 20.83 19.35
C LEU A 162 4.76 21.59 20.14
N ALA A 163 4.20 20.92 21.14
CA ALA A 163 3.18 21.52 22.00
C ALA A 163 3.77 22.63 22.86
N LYS A 164 5.07 22.52 23.12
CA LYS A 164 5.77 23.51 23.94
C LYS A 164 6.59 24.46 23.06
N GLY A 165 6.28 24.47 21.77
CA GLY A 165 6.98 25.33 20.83
C GLY A 165 8.50 25.18 20.74
N GLU A 166 9.07 24.32 21.57
CA GLU A 166 10.52 24.09 21.59
C GLU A 166 11.17 23.92 20.21
N ILE A 167 10.49 23.26 19.29
CA ILE A 167 11.05 23.05 17.95
C ILE A 167 10.37 23.94 16.92
N GLY A 168 9.14 24.34 17.22
CA GLY A 168 8.35 25.20 16.35
C GLY A 168 9.15 26.25 15.57
N SER B 1 -2.05 -5.02 -29.81
CA SER B 1 -0.89 -4.91 -28.88
C SER B 1 -1.16 -3.76 -27.92
N MET B 2 -0.95 -2.52 -28.34
CA MET B 2 -1.21 -1.40 -27.44
C MET B 2 -2.59 -1.55 -26.81
N ALA B 3 -3.61 -1.88 -27.62
CA ALA B 3 -4.96 -2.04 -27.09
C ALA B 3 -5.04 -3.13 -26.04
N SER B 4 -4.37 -4.23 -26.36
CA SER B 4 -4.32 -5.42 -25.51
C SER B 4 -3.69 -5.09 -24.16
N ASN B 5 -2.52 -4.47 -24.20
CA ASN B 5 -1.80 -4.09 -22.99
C ASN B 5 -2.64 -3.13 -22.15
N ALA B 6 -3.06 -2.01 -22.73
CA ALA B 6 -3.86 -1.04 -22.01
C ALA B 6 -5.00 -1.74 -21.29
N ALA B 7 -5.74 -2.57 -22.02
CA ALA B 7 -6.87 -3.31 -21.46
C ALA B 7 -6.47 -4.18 -20.26
N ARG B 8 -5.29 -4.79 -20.34
CA ARG B 8 -4.79 -5.63 -19.26
C ARG B 8 -4.47 -4.78 -18.01
N VAL B 9 -3.63 -3.77 -18.19
CA VAL B 9 -3.26 -2.88 -17.11
C VAL B 9 -4.53 -2.32 -16.50
N VAL B 10 -5.43 -1.80 -17.34
CA VAL B 10 -6.66 -1.25 -16.82
C VAL B 10 -7.39 -2.30 -15.97
N ALA B 11 -7.52 -3.51 -16.51
CA ALA B 11 -8.18 -4.58 -15.76
C ALA B 11 -7.49 -4.83 -14.41
N THR B 12 -6.16 -4.89 -14.41
CA THR B 12 -5.39 -5.11 -13.19
C THR B 12 -5.68 -4.01 -12.18
N ALA B 13 -5.62 -2.77 -12.64
CA ALA B 13 -5.87 -1.61 -11.78
C ALA B 13 -7.23 -1.73 -11.10
N LYS B 14 -8.27 -2.02 -11.88
CA LYS B 14 -9.63 -2.17 -11.32
C LYS B 14 -9.64 -3.24 -10.25
N ASP B 15 -8.80 -4.25 -10.44
CA ASP B 15 -8.67 -5.35 -9.50
C ASP B 15 -8.08 -4.86 -8.19
N PHE B 16 -7.20 -3.87 -8.26
CA PHE B 16 -6.60 -3.34 -7.06
C PHE B 16 -7.54 -2.38 -6.33
N ASP B 17 -8.52 -1.81 -7.03
CA ASP B 17 -9.45 -0.90 -6.38
C ASP B 17 -10.38 -1.72 -5.51
N LYS B 18 -10.70 -2.91 -6.01
CA LYS B 18 -11.57 -3.83 -5.31
C LYS B 18 -10.90 -4.35 -4.01
N VAL B 19 -9.61 -4.68 -4.07
CA VAL B 19 -8.87 -5.19 -2.91
C VAL B 19 -8.74 -4.10 -1.84
N GLY B 20 -8.44 -2.88 -2.29
CA GLY B 20 -8.27 -1.77 -1.39
C GLY B 20 -7.07 -0.90 -1.72
N LEU B 21 -6.16 -1.43 -2.54
CA LEU B 21 -4.98 -0.68 -2.93
C LEU B 21 -5.34 0.32 -4.00
N GLY B 22 -5.93 1.44 -3.58
CA GLY B 22 -6.31 2.47 -4.52
C GLY B 22 -5.11 3.21 -5.07
N ILE B 23 -4.03 3.27 -4.30
CA ILE B 23 -2.84 3.96 -4.75
C ILE B 23 -2.23 3.19 -5.91
N ILE B 24 -2.13 1.87 -5.76
CA ILE B 24 -1.56 1.09 -6.84
C ILE B 24 -2.44 1.20 -8.07
N GLY B 25 -3.75 1.05 -7.90
CA GLY B 25 -4.67 1.16 -9.03
C GLY B 25 -4.53 2.50 -9.72
N TYR B 26 -4.19 3.52 -8.94
CA TYR B 26 -4.02 4.86 -9.47
C TYR B 26 -2.85 4.93 -10.44
N TYR B 27 -1.67 4.58 -9.97
CA TYR B 27 -0.49 4.62 -10.84
C TYR B 27 -0.57 3.74 -12.07
N LEU B 28 -1.35 2.66 -11.99
CA LEU B 28 -1.50 1.78 -13.13
C LEU B 28 -2.28 2.52 -14.20
N GLN B 29 -3.29 3.24 -13.75
CA GLN B 29 -4.13 4.03 -14.63
C GLN B 29 -3.30 5.14 -15.29
N LEU B 30 -2.41 5.79 -14.54
CA LEU B 30 -1.57 6.81 -15.15
C LEU B 30 -0.80 6.16 -16.27
N TYR B 31 -0.22 5.00 -15.95
CA TYR B 31 0.57 4.22 -16.90
C TYR B 31 -0.31 3.82 -18.08
N ALA B 32 -1.49 3.27 -17.79
CA ALA B 32 -2.41 2.84 -18.84
C ALA B 32 -2.69 4.00 -19.80
N VAL B 33 -3.01 5.15 -19.24
CA VAL B 33 -3.31 6.33 -20.04
C VAL B 33 -2.14 6.69 -20.92
N GLU B 34 -0.97 6.80 -20.30
CA GLU B 34 0.21 7.13 -21.05
C GLU B 34 0.43 6.11 -22.17
N LEU B 35 0.00 4.88 -21.96
CA LEU B 35 0.17 3.88 -22.98
C LEU B 35 -0.77 4.15 -24.13
N ILE B 36 -2.05 4.37 -23.81
CA ILE B 36 -3.05 4.63 -24.83
C ILE B 36 -2.72 5.86 -25.65
N LEU B 37 -2.26 6.91 -24.98
CA LEU B 37 -1.93 8.15 -25.66
C LEU B 37 -0.56 8.10 -26.32
N SER B 38 0.07 6.94 -26.33
CA SER B 38 1.39 6.82 -26.95
C SER B 38 1.23 6.69 -28.45
N GLU B 39 0.09 6.15 -28.87
CA GLU B 39 -0.19 5.97 -30.28
C GLU B 39 -0.87 7.22 -30.84
N GLU B 40 -0.22 7.81 -31.84
CA GLU B 40 -0.72 9.02 -32.52
C GLU B 40 -2.03 8.71 -33.22
N ASP B 41 -2.14 7.50 -33.78
CA ASP B 41 -3.37 7.11 -34.45
C ASP B 41 -3.89 5.88 -33.73
N ARG B 42 -4.85 6.07 -32.85
CA ARG B 42 -5.42 4.97 -32.09
C ARG B 42 -6.91 4.87 -32.40
N SER B 43 -7.52 3.75 -32.04
CA SER B 43 -8.95 3.55 -32.28
C SER B 43 -9.78 4.52 -31.45
N GLN B 44 -11.06 4.64 -31.76
CA GLN B 44 -11.91 5.54 -31.01
C GLN B 44 -12.08 5.01 -29.61
N GLU B 45 -12.35 3.72 -29.52
CA GLU B 45 -12.55 3.05 -28.25
C GLU B 45 -11.36 3.32 -27.34
N MET B 46 -10.16 3.27 -27.90
CA MET B 46 -8.96 3.51 -27.11
C MET B 46 -8.92 4.95 -26.59
N THR B 47 -9.21 5.91 -27.46
CA THR B 47 -9.19 7.32 -27.06
C THR B 47 -10.31 7.54 -26.07
N ALA B 48 -11.41 6.83 -26.27
CA ALA B 48 -12.53 6.92 -25.38
C ALA B 48 -12.10 6.36 -24.03
N LEU B 49 -11.25 5.34 -24.04
CA LEU B 49 -10.75 4.71 -22.81
C LEU B 49 -9.80 5.67 -22.11
N ALA B 50 -8.99 6.36 -22.92
CA ALA B 50 -8.04 7.32 -22.41
C ALA B 50 -8.81 8.38 -21.64
N THR B 51 -9.89 8.86 -22.24
CA THR B 51 -10.73 9.87 -21.61
C THR B 51 -11.30 9.30 -20.34
N GLU B 52 -11.92 8.14 -20.46
CA GLU B 52 -12.51 7.48 -19.32
C GLU B 52 -11.50 7.42 -18.17
N LEU B 53 -10.28 6.98 -18.47
CA LEU B 53 -9.21 6.87 -17.47
C LEU B 53 -8.84 8.19 -16.81
N LEU B 54 -8.72 9.23 -17.64
CA LEU B 54 -8.37 10.57 -17.18
C LEU B 54 -9.44 11.10 -16.21
N ASP B 55 -10.71 10.93 -16.57
CA ASP B 55 -11.77 11.38 -15.68
C ASP B 55 -11.63 10.72 -14.32
N THR B 56 -11.19 9.45 -14.34
CA THR B 56 -11.00 8.71 -13.11
C THR B 56 -9.76 9.23 -12.37
N ILE B 57 -8.66 9.35 -13.09
CA ILE B 57 -7.46 9.88 -12.46
C ILE B 57 -7.72 11.27 -11.93
N GLU B 58 -8.55 12.04 -12.64
CA GLU B 58 -8.86 13.40 -12.21
C GLU B 58 -9.63 13.35 -10.89
N ALA B 59 -10.71 12.56 -10.90
CA ALA B 59 -11.58 12.35 -9.76
C ALA B 59 -10.81 11.89 -8.53
N PHE B 60 -9.95 10.89 -8.72
CA PHE B 60 -9.17 10.37 -7.61
C PHE B 60 -8.40 11.51 -6.94
N LYS B 61 -7.87 12.43 -7.74
CA LYS B 61 -7.10 13.53 -7.16
C LYS B 61 -7.94 14.48 -6.31
N LYS B 62 -9.18 14.75 -6.73
CA LYS B 62 -10.02 15.65 -5.97
C LYS B 62 -10.30 15.15 -4.57
N GLU B 63 -10.53 13.85 -4.42
CA GLU B 63 -10.80 13.29 -3.10
C GLU B 63 -9.60 13.30 -2.16
N ILE B 64 -8.41 13.09 -2.71
CA ILE B 64 -7.22 13.09 -1.88
C ILE B 64 -6.72 14.52 -1.74
N GLY B 65 -5.74 14.73 -0.86
CA GLY B 65 -5.21 16.07 -0.66
C GLY B 65 -4.50 16.62 -1.88
N LEU B 77 -4.76 9.67 4.84
CA LEU B 77 -5.46 10.52 3.87
C LEU B 77 -4.71 11.84 3.69
N HIS B 78 -5.07 12.83 4.50
CA HIS B 78 -4.42 14.12 4.40
C HIS B 78 -2.96 13.96 4.81
N VAL B 79 -2.64 12.79 5.35
CA VAL B 79 -1.28 12.50 5.78
C VAL B 79 -0.56 11.69 4.70
N MET B 80 -1.27 10.75 4.08
CA MET B 80 -0.69 9.93 3.04
C MET B 80 -0.84 10.43 1.62
N ASN B 81 -1.47 11.60 1.45
CA ASN B 81 -1.67 12.16 0.12
C ASN B 81 -0.30 12.55 -0.44
N THR B 82 0.71 12.53 0.41
CA THR B 82 2.05 12.87 -0.01
C THR B 82 2.53 11.84 -1.05
N LEU B 83 1.68 10.88 -1.37
CA LEU B 83 2.01 9.85 -2.34
C LEU B 83 1.62 10.24 -3.75
N ILE B 84 0.51 10.95 -3.86
CA ILE B 84 -0.01 11.41 -5.14
C ILE B 84 0.72 12.63 -5.69
N HIS B 85 1.47 13.33 -4.84
CA HIS B 85 2.16 14.54 -5.30
C HIS B 85 3.69 14.44 -5.25
N ASP B 86 4.21 13.22 -5.03
CA ASP B 86 5.66 13.01 -4.94
C ASP B 86 6.12 11.80 -5.79
N GLN B 87 6.93 12.07 -6.82
CA GLN B 87 7.43 11.00 -7.69
C GLN B 87 8.44 10.05 -7.05
N GLU B 88 9.08 10.51 -5.98
CA GLU B 88 10.08 9.73 -5.27
C GLU B 88 9.43 8.78 -4.29
N LYS B 89 8.58 9.33 -3.43
CA LYS B 89 7.87 8.53 -2.45
C LYS B 89 7.01 7.52 -3.17
N ALA B 90 6.18 8.02 -4.09
CA ALA B 90 5.29 7.17 -4.88
C ALA B 90 6.09 5.98 -5.43
N LYS B 91 7.29 6.24 -5.92
CA LYS B 91 8.12 5.17 -6.46
C LYS B 91 8.52 4.19 -5.37
N ILE B 92 8.76 4.71 -4.18
CA ILE B 92 9.14 3.89 -3.04
C ILE B 92 8.04 2.89 -2.68
N TYR B 93 6.88 3.41 -2.35
CA TYR B 93 5.75 2.57 -1.97
C TYR B 93 5.36 1.66 -3.12
N MET B 94 5.69 2.05 -4.34
CA MET B 94 5.38 1.26 -5.53
C MET B 94 6.33 0.08 -5.62
N LEU B 95 7.62 0.33 -5.45
CA LEU B 95 8.59 -0.75 -5.53
C LEU B 95 8.45 -1.73 -4.37
N ASN B 96 8.29 -1.22 -3.16
CA ASN B 96 8.13 -2.07 -1.99
C ASN B 96 7.06 -3.11 -2.29
N PHE B 97 5.87 -2.62 -2.67
CA PHE B 97 4.74 -3.50 -2.98
C PHE B 97 5.06 -4.51 -4.08
N THR B 98 5.53 -4.01 -5.23
CA THR B 98 5.87 -4.87 -6.37
C THR B 98 6.99 -5.83 -6.03
N MET B 99 8.05 -5.33 -5.41
CA MET B 99 9.19 -6.18 -5.04
C MET B 99 8.84 -7.30 -4.09
N SER B 100 7.98 -7.03 -3.12
CA SER B 100 7.60 -8.07 -2.20
C SER B 100 6.86 -9.16 -3.01
N LEU B 101 5.77 -8.78 -3.70
CA LEU B 101 4.98 -9.72 -4.52
C LEU B 101 5.84 -10.53 -5.47
N TYR B 102 6.84 -9.88 -6.04
CA TYR B 102 7.73 -10.53 -6.96
C TYR B 102 8.50 -11.69 -6.30
N ASN B 103 8.98 -11.45 -5.08
CA ASN B 103 9.73 -12.48 -4.39
C ASN B 103 8.85 -13.65 -4.04
N GLU B 104 7.69 -13.37 -3.45
CA GLU B 104 6.77 -14.43 -3.09
C GLU B 104 6.51 -15.31 -4.31
N LYS B 105 6.24 -14.68 -5.44
CA LYS B 105 5.98 -15.41 -6.67
C LYS B 105 7.19 -16.22 -7.16
N LEU B 106 8.40 -15.73 -6.91
CA LEU B 106 9.61 -16.45 -7.31
C LEU B 106 9.73 -17.76 -6.53
N LYS B 107 9.35 -17.71 -5.27
CA LYS B 107 9.38 -18.90 -4.43
C LYS B 107 8.34 -19.86 -5.01
N GLN B 108 7.10 -19.40 -5.12
CA GLN B 108 6.01 -20.24 -5.66
C GLN B 108 6.39 -20.95 -6.95
N LEU B 109 7.28 -20.34 -7.72
CA LEU B 109 7.70 -20.94 -8.95
C LEU B 109 8.44 -22.22 -8.67
N LYS B 110 9.15 -22.25 -7.54
CA LYS B 110 9.91 -23.43 -7.16
C LYS B 110 9.08 -24.55 -6.55
N ASP B 111 8.52 -24.30 -5.37
CA ASP B 111 7.74 -25.33 -4.73
C ASP B 111 6.25 -25.17 -4.90
N GLY B 112 5.75 -23.97 -4.62
CA GLY B 112 4.33 -23.69 -4.73
C GLY B 112 3.62 -24.24 -5.96
N PRO B 113 2.28 -24.23 -5.95
CA PRO B 113 1.49 -24.73 -7.07
C PRO B 113 1.68 -23.89 -8.34
N TRP B 114 1.58 -24.54 -9.49
CA TRP B 114 1.75 -23.84 -10.75
C TRP B 114 0.42 -23.67 -11.46
N ASP B 115 -0.49 -22.95 -10.82
CA ASP B 115 -1.82 -22.72 -11.35
C ASP B 115 -1.97 -21.38 -12.10
N VAL B 116 -3.21 -21.06 -12.45
CA VAL B 116 -3.51 -19.82 -13.15
C VAL B 116 -2.98 -18.63 -12.35
N MET B 117 -3.21 -18.67 -11.04
CA MET B 117 -2.77 -17.60 -10.15
C MET B 117 -1.33 -17.23 -10.38
N LEU B 118 -0.45 -18.22 -10.37
CA LEU B 118 0.95 -17.95 -10.60
C LEU B 118 1.12 -17.20 -11.91
N LYS B 119 0.30 -17.54 -12.90
CA LYS B 119 0.34 -16.91 -14.22
C LYS B 119 -0.07 -15.43 -14.11
N ARG B 120 -1.27 -15.20 -13.58
CA ARG B 120 -1.80 -13.85 -13.40
C ARG B 120 -0.81 -13.00 -12.61
N SER B 121 -0.23 -13.60 -11.59
CA SER B 121 0.73 -12.95 -10.71
C SER B 121 1.95 -12.49 -11.48
N LEU B 122 2.49 -13.36 -12.33
CA LEU B 122 3.68 -13.02 -13.12
C LEU B 122 3.42 -11.83 -14.05
N TRP B 123 2.21 -11.78 -14.61
CA TRP B 123 1.83 -10.71 -15.50
C TRP B 123 1.68 -9.41 -14.71
N CYS B 124 1.17 -9.55 -13.50
CA CYS B 124 0.98 -8.42 -12.64
C CYS B 124 2.36 -7.82 -12.39
N CYS B 125 3.33 -8.66 -12.04
CA CYS B 125 4.68 -8.18 -11.77
C CYS B 125 5.20 -7.46 -13.01
N ILE B 126 4.97 -8.02 -14.20
CA ILE B 126 5.44 -7.37 -15.42
C ILE B 126 4.85 -5.96 -15.60
N ASP B 127 3.55 -5.81 -15.40
CA ASP B 127 2.93 -4.50 -15.55
C ASP B 127 3.39 -3.54 -14.46
N LEU B 128 3.37 -4.00 -13.21
CA LEU B 128 3.83 -3.15 -12.12
C LEU B 128 5.27 -2.66 -12.34
N PHE B 129 6.15 -3.59 -12.69
CA PHE B 129 7.53 -3.23 -12.93
C PHE B 129 7.62 -2.31 -14.12
N SER B 130 6.80 -2.55 -15.13
CA SER B 130 6.81 -1.72 -16.32
C SER B 130 6.20 -0.35 -16.01
N CYS B 131 5.25 -0.32 -15.08
CA CYS B 131 4.60 0.93 -14.66
C CYS B 131 5.62 1.83 -13.98
N ILE B 132 6.49 1.22 -13.19
CA ILE B 132 7.52 1.97 -12.49
C ILE B 132 8.54 2.54 -13.47
N LEU B 133 9.05 1.68 -14.35
CA LEU B 133 10.01 2.09 -15.35
C LEU B 133 9.50 3.16 -16.25
N HIS B 134 8.22 3.10 -16.58
CA HIS B 134 7.67 4.08 -17.48
C HIS B 134 7.50 5.41 -16.79
N LEU B 135 6.71 5.41 -15.73
CA LEU B 135 6.39 6.62 -14.99
C LEU B 135 7.55 7.42 -14.41
N TRP B 136 8.58 6.73 -13.92
CA TRP B 136 9.72 7.42 -13.29
C TRP B 136 11.04 6.99 -13.90
N LYS B 137 11.10 6.90 -15.22
CA LYS B 137 12.34 6.48 -15.88
C LYS B 137 13.45 7.50 -15.67
N GLU B 138 13.07 8.77 -15.63
CA GLU B 138 14.04 9.81 -15.43
C GLU B 138 14.39 9.99 -13.96
N ASN B 139 14.02 9.01 -13.13
CA ASN B 139 14.30 9.09 -11.69
C ASN B 139 14.90 7.80 -11.16
N ILE B 140 15.18 6.87 -12.06
CA ILE B 140 15.74 5.57 -11.72
C ILE B 140 17.17 5.46 -12.24
N SER B 141 18.11 5.18 -11.34
CA SER B 141 19.52 5.06 -11.73
C SER B 141 19.66 4.08 -12.89
N GLU B 142 20.75 4.19 -13.64
CA GLU B 142 20.96 3.31 -14.77
C GLU B 142 21.02 1.87 -14.30
N THR B 143 21.61 1.67 -13.12
CA THR B 143 21.73 0.34 -12.54
C THR B 143 20.38 -0.29 -12.22
N SER B 144 19.52 0.48 -11.54
CA SER B 144 18.18 0.00 -11.18
C SER B 144 17.36 -0.34 -12.41
N THR B 145 17.57 0.41 -13.50
CA THR B 145 16.83 0.14 -14.72
C THR B 145 17.11 -1.27 -15.21
N ASN B 146 18.38 -1.65 -15.22
CA ASN B 146 18.77 -2.98 -15.67
C ASN B 146 18.17 -4.03 -14.74
N SER B 147 18.28 -3.76 -13.45
CA SER B 147 17.76 -4.68 -12.42
C SER B 147 16.25 -4.89 -12.60
N LEU B 148 15.53 -3.80 -12.90
CA LEU B 148 14.09 -3.90 -13.10
C LEU B 148 13.79 -4.69 -14.38
N GLN B 149 14.49 -4.33 -15.45
CA GLN B 149 14.31 -5.00 -16.73
C GLN B 149 14.61 -6.48 -16.67
N LYS B 150 15.53 -6.88 -15.81
CA LYS B 150 15.93 -8.28 -15.67
C LYS B 150 14.76 -9.08 -15.10
N ARG B 151 14.15 -8.55 -14.06
CA ARG B 151 13.02 -9.21 -13.41
C ARG B 151 11.84 -9.33 -14.35
N ILE B 152 11.63 -8.29 -15.16
CA ILE B 152 10.55 -8.31 -16.13
C ILE B 152 10.84 -9.46 -17.08
N LYS B 153 12.07 -9.51 -17.58
CA LYS B 153 12.53 -10.55 -18.50
C LYS B 153 12.29 -11.91 -17.86
N TYR B 154 12.73 -12.06 -16.62
CA TYR B 154 12.55 -13.30 -15.89
C TYR B 154 11.11 -13.73 -15.85
N CYS B 155 10.21 -12.76 -15.77
CA CYS B 155 8.78 -13.05 -15.73
C CYS B 155 8.35 -13.66 -17.03
N LYS B 156 8.81 -13.02 -18.10
CA LYS B 156 8.52 -13.45 -19.47
C LYS B 156 8.97 -14.91 -19.61
N ILE B 157 10.25 -15.15 -19.33
CA ILE B 157 10.83 -16.49 -19.40
C ILE B 157 10.02 -17.56 -18.69
N TYR B 158 9.73 -17.34 -17.41
CA TYR B 158 8.95 -18.31 -16.62
C TYR B 158 7.56 -18.52 -17.21
N LEU B 159 6.92 -17.44 -17.66
CA LEU B 159 5.61 -17.60 -18.29
C LEU B 159 5.77 -18.58 -19.47
N SER B 160 6.86 -18.42 -20.22
CA SER B 160 7.16 -19.30 -21.36
C SER B 160 7.21 -20.76 -20.95
N LYS B 161 7.88 -21.01 -19.84
CA LYS B 161 8.03 -22.36 -19.34
C LYS B 161 6.69 -22.91 -18.91
N LEU B 162 5.88 -22.09 -18.29
CA LEU B 162 4.56 -22.55 -17.85
C LEU B 162 3.68 -22.98 -19.03
N ALA B 163 3.92 -22.37 -20.19
CA ALA B 163 3.15 -22.68 -21.40
C ALA B 163 3.54 -24.02 -21.98
N LYS B 164 4.85 -24.25 -22.04
CA LYS B 164 5.42 -25.48 -22.56
C LYS B 164 5.13 -26.63 -21.61
N GLY B 165 4.97 -26.30 -20.33
CA GLY B 165 4.71 -27.34 -19.34
C GLY B 165 6.06 -27.70 -18.75
N GLU B 166 7.06 -26.91 -19.12
CA GLU B 166 8.43 -27.11 -18.65
C GLU B 166 8.53 -26.89 -17.15
N ILE B 167 7.65 -26.06 -16.62
CA ILE B 167 7.63 -25.81 -15.18
C ILE B 167 6.23 -26.14 -14.70
N GLY B 168 5.23 -25.85 -15.52
CA GLY B 168 3.85 -26.13 -15.16
C GLY B 168 3.58 -27.61 -14.92
#